data_5YAC
#
_entry.id   5YAC
#
_cell.length_a   41.444
_cell.length_b   88.567
_cell.length_c   95.164
_cell.angle_alpha   90.00
_cell.angle_beta   90.00
_cell.angle_gamma   90.00
#
_symmetry.space_group_name_H-M   'P 21 21 21'
#
_entity_poly.entity_id   1
_entity_poly.type   'polypeptide(L)'
_entity_poly.pdbx_seq_one_letter_code
;MGHHHHHHENLYFQGHMTLAVKVPLKEGEIVRRRLIELGALDNTYKIKREGNFLLIPVKFPVKGFEVVEAELEQVSRRPN
SYREIVNVPQELRRFLPTSFDIIGNIAIIEIPEELKGYAKEIGRAIVEVHKNVKAVYMKGSKIEGEYRTRELIHIAGENI
TETIHRENGIRLKLDVAKVYFSPRLATERMRVFKMAQEGEVVFDMFAGVGPFSILLAKKAELVFACDINPWAIKYLEENI
KLNKVNNVVPILGDSREIEVKADRIIMNLPKYAHEFLEHAISCINDGGVIHYYGFGPEGDPYGWHLERIRELANKFGVKV
EVLGKRVIRNYAPRQYNIAIDFRVSF
;
_entity_poly.pdbx_strand_id   A
#
# COMPACT_ATOMS: atom_id res chain seq x y z
N MET A 17 -12.65 4.97 -39.77
CA MET A 17 -11.54 5.71 -40.44
C MET A 17 -11.09 6.93 -39.62
N THR A 18 -9.80 7.25 -39.72
CA THR A 18 -9.23 8.44 -39.09
C THR A 18 -8.30 9.12 -40.09
N LEU A 19 -7.75 10.26 -39.68
CA LEU A 19 -6.87 11.07 -40.53
C LEU A 19 -5.46 10.51 -40.53
N ALA A 20 -4.76 10.69 -41.64
CA ALA A 20 -3.41 10.19 -41.79
C ALA A 20 -2.67 10.93 -42.89
N VAL A 21 -1.39 10.58 -43.05
CA VAL A 21 -0.53 11.19 -44.03
C VAL A 21 0.20 10.10 -44.82
N LYS A 22 0.03 10.11 -46.15
CA LYS A 22 0.60 9.10 -47.03
C LYS A 22 2.00 9.49 -47.43
N VAL A 23 2.99 9.08 -46.64
CA VAL A 23 4.40 9.43 -46.84
C VAL A 23 5.18 8.17 -47.26
N PRO A 24 6.04 8.25 -48.30
CA PRO A 24 6.76 7.04 -48.76
C PRO A 24 7.59 6.32 -47.68
N LEU A 25 7.82 5.03 -47.92
CA LEU A 25 8.32 4.13 -46.89
C LEU A 25 9.65 4.55 -46.30
N LYS A 26 10.66 4.68 -47.16
CA LYS A 26 12.00 5.06 -46.74
C LYS A 26 12.05 6.46 -46.15
N GLU A 27 11.04 7.27 -46.47
CA GLU A 27 10.84 8.61 -45.91
C GLU A 27 10.03 8.65 -44.61
N GLY A 28 9.78 7.48 -44.01
CA GLY A 28 8.91 7.36 -42.85
C GLY A 28 9.35 8.14 -41.64
N GLU A 29 10.42 7.71 -40.99
CA GLU A 29 10.83 8.26 -39.70
C GLU A 29 11.15 9.76 -39.74
N ILE A 30 11.72 10.20 -40.85
CA ILE A 30 11.94 11.63 -41.07
C ILE A 30 10.63 12.35 -40.80
N VAL A 31 9.64 12.01 -41.62
CA VAL A 31 8.28 12.55 -41.46
C VAL A 31 7.82 12.35 -40.01
N ARG A 32 7.86 11.11 -39.52
CA ARG A 32 7.46 10.81 -38.14
C ARG A 32 8.11 11.77 -37.15
N ARG A 33 9.44 11.91 -37.21
CA ARG A 33 10.16 12.86 -36.35
C ARG A 33 9.61 14.27 -36.60
N ARG A 34 9.47 14.64 -37.88
CA ARG A 34 8.89 15.93 -38.29
C ARG A 34 7.53 16.17 -37.64
N LEU A 35 6.65 15.18 -37.73
CA LEU A 35 5.30 15.27 -37.12
C LEU A 35 5.37 15.29 -35.61
N ILE A 36 6.30 14.56 -35.01
CA ILE A 36 6.52 14.64 -33.58
C ILE A 36 6.86 16.07 -33.17
N GLU A 37 7.64 16.77 -34.00
CA GLU A 37 7.96 18.19 -33.81
C GLU A 37 6.71 19.07 -33.93
N LEU A 38 5.92 18.87 -34.98
CA LEU A 38 4.66 19.63 -35.18
C LEU A 38 3.63 19.39 -34.07
N GLY A 39 3.65 18.21 -33.46
CA GLY A 39 2.62 17.81 -32.51
C GLY A 39 1.40 17.22 -33.20
N ALA A 40 1.62 16.62 -34.36
CA ALA A 40 0.54 16.01 -35.13
C ALA A 40 0.43 14.48 -34.93
N LEU A 41 1.49 13.83 -34.48
CA LEU A 41 1.50 12.37 -34.43
C LEU A 41 0.46 11.90 -33.42
N ASP A 42 -0.33 10.91 -33.83
CA ASP A 42 -1.42 10.37 -33.03
C ASP A 42 -1.08 8.96 -32.55
N ASN A 43 -0.89 8.81 -31.24
CA ASN A 43 -0.59 7.52 -30.62
C ASN A 43 -1.76 6.54 -30.61
N THR A 44 -2.94 7.00 -31.04
CA THR A 44 -4.16 6.20 -30.98
C THR A 44 -4.30 5.11 -32.05
N TYR A 45 -3.57 5.22 -33.16
CA TYR A 45 -3.65 4.24 -34.23
C TYR A 45 -2.26 3.73 -34.61
N LYS A 46 -2.23 2.48 -35.06
CA LYS A 46 -1.00 1.87 -35.52
C LYS A 46 -0.76 2.32 -36.98
N ILE A 47 0.47 2.68 -37.28
CA ILE A 47 0.91 2.98 -38.64
C ILE A 47 0.45 1.89 -39.61
N LYS A 48 -0.09 2.28 -40.76
CA LYS A 48 -0.47 1.35 -41.83
C LYS A 48 0.52 1.42 -42.99
N ARG A 49 0.49 0.41 -43.84
CA ARG A 49 1.48 0.24 -44.90
C ARG A 49 0.83 -0.02 -46.25
N GLU A 50 1.29 0.73 -47.25
CA GLU A 50 1.12 0.38 -48.66
C GLU A 50 2.50 0.22 -49.30
N GLY A 51 2.58 -0.65 -50.30
CA GLY A 51 3.85 -1.06 -50.91
C GLY A 51 4.86 0.06 -51.07
N ASN A 52 4.39 1.20 -51.56
CA ASN A 52 5.25 2.37 -51.79
C ASN A 52 5.29 3.40 -50.65
N PHE A 53 4.17 3.54 -49.94
CA PHE A 53 4.04 4.60 -48.93
C PHE A 53 3.35 4.11 -47.66
N LEU A 54 3.81 4.61 -46.52
CA LEU A 54 3.14 4.44 -45.23
C LEU A 54 2.01 5.46 -45.04
N LEU A 55 1.20 5.26 -44.02
CA LEU A 55 0.12 6.18 -43.66
C LEU A 55 0.25 6.47 -42.16
N ILE A 56 0.77 7.64 -41.82
CA ILE A 56 0.97 8.01 -40.41
C ILE A 56 -0.26 8.76 -39.87
N PRO A 57 -0.86 8.23 -38.77
CA PRO A 57 -2.03 8.91 -38.20
C PRO A 57 -1.72 10.26 -37.58
N VAL A 58 -2.59 11.21 -37.85
CA VAL A 58 -2.44 12.58 -37.39
C VAL A 58 -3.73 13.01 -36.69
N LYS A 59 -3.59 13.83 -35.67
CA LYS A 59 -4.77 14.33 -34.95
C LYS A 59 -5.41 15.55 -35.62
N PHE A 60 -4.79 16.06 -36.68
CA PHE A 60 -5.37 17.17 -37.45
C PHE A 60 -4.63 17.29 -38.75
N PRO A 61 -5.27 17.88 -39.79
CA PRO A 61 -4.55 18.07 -41.03
C PRO A 61 -3.39 19.05 -40.88
N VAL A 62 -2.40 18.86 -41.73
CA VAL A 62 -1.15 19.61 -41.68
C VAL A 62 -0.77 20.16 -43.06
N LYS A 63 -0.04 21.27 -43.05
CA LYS A 63 0.15 22.10 -44.24
C LYS A 63 1.01 21.45 -45.33
N GLY A 64 2.05 20.72 -44.92
CA GLY A 64 3.05 20.23 -45.86
C GLY A 64 3.03 18.76 -46.18
N PHE A 65 1.88 18.11 -46.02
CA PHE A 65 1.78 16.65 -46.20
C PHE A 65 0.47 16.25 -46.88
N GLU A 66 0.48 15.04 -47.44
CA GLU A 66 -0.65 14.55 -48.22
C GLU A 66 -1.68 13.87 -47.32
N VAL A 67 -2.62 14.67 -46.84
CA VAL A 67 -3.60 14.20 -45.87
C VAL A 67 -4.66 13.33 -46.53
N VAL A 68 -4.93 12.18 -45.92
CA VAL A 68 -5.90 11.22 -46.44
C VAL A 68 -6.73 10.68 -45.28
N GLU A 69 -8.00 10.36 -45.56
CA GLU A 69 -8.82 9.56 -44.68
C GLU A 69 -8.40 8.11 -44.90
N ALA A 70 -8.33 7.33 -43.82
CA ALA A 70 -7.96 5.92 -43.94
C ALA A 70 -8.49 5.12 -42.76
N GLU A 71 -8.91 3.88 -43.05
CA GLU A 71 -9.40 2.94 -42.04
C GLU A 71 -8.17 2.34 -41.35
N LEU A 72 -7.86 2.83 -40.17
CA LEU A 72 -6.63 2.46 -39.48
C LEU A 72 -6.92 1.63 -38.27
N GLU A 73 -6.04 0.68 -37.98
CA GLU A 73 -6.18 -0.16 -36.79
C GLU A 73 -5.86 0.66 -35.56
N GLN A 74 -6.88 1.00 -34.80
CA GLN A 74 -6.67 1.63 -33.51
C GLN A 74 -5.81 0.71 -32.67
N VAL A 75 -4.92 1.29 -31.87
CA VAL A 75 -4.13 0.54 -30.91
C VAL A 75 -4.93 0.45 -29.61
N SER A 76 -4.99 -0.75 -29.04
CA SER A 76 -5.81 -1.00 -27.87
C SER A 76 -4.99 -0.74 -26.63
N ARG A 77 -5.33 0.31 -25.89
CA ARG A 77 -4.79 0.51 -24.55
C ARG A 77 -5.30 -0.66 -23.70
N ARG A 78 -4.36 -1.41 -23.10
CA ARG A 78 -4.72 -2.44 -22.13
C ARG A 78 -5.45 -1.72 -20.98
N PRO A 79 -6.63 -2.24 -20.54
CA PRO A 79 -7.46 -1.48 -19.61
C PRO A 79 -6.82 -1.24 -18.27
N ASN A 80 -6.82 0.01 -17.83
CA ASN A 80 -6.34 0.37 -16.51
C ASN A 80 -7.54 0.41 -15.62
N SER A 81 -7.37 -0.10 -14.40
CA SER A 81 -8.49 -0.42 -13.50
C SER A 81 -9.46 -1.39 -14.21
N TYR A 82 -10.56 -1.68 -13.58
CA TYR A 82 -11.53 -2.63 -14.11
C TYR A 82 -12.75 -1.82 -14.57
N ARG A 83 -12.66 -1.34 -15.81
CA ARG A 83 -13.81 -0.80 -16.53
C ARG A 83 -14.50 -1.90 -17.36
N GLU A 84 -14.08 -3.15 -17.18
CA GLU A 84 -14.62 -4.31 -17.90
C GLU A 84 -15.78 -5.00 -17.21
N ILE A 85 -16.13 -4.57 -16.00
CA ILE A 85 -17.31 -5.11 -15.34
C ILE A 85 -18.55 -4.81 -16.16
N VAL A 86 -19.54 -5.67 -16.02
CA VAL A 86 -20.85 -5.45 -16.59
C VAL A 86 -21.83 -5.53 -15.46
N ASN A 87 -22.71 -4.55 -15.40
CA ASN A 87 -23.76 -4.47 -14.39
C ASN A 87 -24.68 -3.30 -14.74
N VAL A 88 -25.56 -2.95 -13.83
CA VAL A 88 -26.45 -1.80 -14.00
C VAL A 88 -25.66 -0.48 -14.06
N PRO A 89 -25.89 0.34 -15.11
CA PRO A 89 -25.12 1.59 -15.22
C PRO A 89 -25.42 2.62 -14.12
N GLN A 90 -26.61 2.53 -13.53
CA GLN A 90 -26.96 3.40 -12.41
C GLN A 90 -25.98 3.19 -11.25
N GLU A 91 -25.70 1.91 -10.97
CA GLU A 91 -24.80 1.55 -9.90
C GLU A 91 -23.32 1.62 -10.30
N LEU A 92 -23.04 1.58 -11.61
CA LEU A 92 -21.66 1.72 -12.10
C LEU A 92 -20.88 2.75 -11.26
N ARG A 93 -21.56 3.85 -10.90
CA ARG A 93 -20.96 4.87 -10.06
C ARG A 93 -20.81 4.38 -8.62
N ARG A 94 -21.92 3.99 -8.01
CA ARG A 94 -21.90 3.48 -6.64
C ARG A 94 -20.98 2.24 -6.48
N PHE A 95 -20.96 1.39 -7.50
CA PHE A 95 -20.44 0.05 -7.38
C PHE A 95 -18.94 -0.08 -7.56
N LEU A 96 -18.29 0.91 -8.17
CA LEU A 96 -16.89 0.76 -8.53
C LEU A 96 -16.03 1.40 -7.45
N PRO A 97 -15.72 0.66 -6.35
CA PRO A 97 -14.83 1.23 -5.34
C PRO A 97 -13.49 1.47 -6.03
N THR A 98 -12.84 2.57 -5.69
CA THR A 98 -11.72 3.02 -6.53
C THR A 98 -10.38 2.45 -6.09
N SER A 99 -10.32 1.97 -4.84
CA SER A 99 -9.12 1.35 -4.29
C SER A 99 -9.48 -0.02 -3.74
N PHE A 100 -8.50 -0.90 -3.81
CA PHE A 100 -8.54 -2.18 -3.11
C PHE A 100 -7.11 -2.62 -2.84
N ASP A 101 -6.93 -3.35 -1.75
CA ASP A 101 -5.60 -3.79 -1.37
C ASP A 101 -5.29 -5.08 -2.10
N ILE A 102 -4.05 -5.19 -2.58
CA ILE A 102 -3.58 -6.41 -3.26
C ILE A 102 -2.27 -6.77 -2.60
N ILE A 103 -2.31 -7.85 -1.80
CA ILE A 103 -1.11 -8.34 -1.10
C ILE A 103 -0.78 -9.71 -1.71
N GLY A 104 0.49 -9.90 -2.05
CA GLY A 104 0.94 -11.08 -2.77
C GLY A 104 0.16 -11.26 -4.07
N ASN A 105 -0.52 -12.39 -4.18
CA ASN A 105 -1.40 -12.67 -5.30
C ASN A 105 -2.88 -12.71 -4.88
N ILE A 106 -3.21 -12.06 -3.78
CA ILE A 106 -4.58 -12.01 -3.29
C ILE A 106 -5.05 -10.56 -3.26
N ALA A 107 -6.30 -10.34 -3.65
CA ALA A 107 -6.86 -9.00 -3.78
C ALA A 107 -8.09 -8.93 -2.92
N ILE A 108 -8.15 -7.88 -2.10
CA ILE A 108 -9.26 -7.65 -1.16
C ILE A 108 -9.88 -6.29 -1.46
N ILE A 109 -11.20 -6.29 -1.69
CA ILE A 109 -11.94 -5.13 -2.16
C ILE A 109 -13.17 -4.94 -1.29
N GLU A 110 -13.46 -3.71 -0.90
CA GLU A 110 -14.63 -3.39 -0.08
C GLU A 110 -15.78 -3.04 -1.02
N ILE A 111 -16.75 -3.96 -1.09
CA ILE A 111 -17.92 -3.78 -1.93
C ILE A 111 -19.06 -3.25 -1.07
N PRO A 112 -19.72 -2.18 -1.53
CA PRO A 112 -20.93 -1.74 -0.81
C PRO A 112 -22.09 -2.75 -0.92
N GLU A 113 -23.00 -2.65 0.04
CA GLU A 113 -24.15 -3.56 0.09
C GLU A 113 -25.10 -3.37 -1.09
N GLU A 114 -24.93 -2.27 -1.84
CA GLU A 114 -25.69 -2.03 -3.07
C GLU A 114 -25.29 -3.01 -4.15
N LEU A 115 -24.05 -3.49 -4.13
CA LEU A 115 -23.53 -4.33 -5.21
C LEU A 115 -22.94 -5.68 -4.86
N LYS A 116 -23.21 -6.15 -3.65
CA LYS A 116 -22.93 -7.55 -3.31
C LYS A 116 -23.48 -8.47 -4.42
N GLY A 117 -24.65 -8.10 -4.93
CA GLY A 117 -25.26 -8.77 -6.06
C GLY A 117 -24.31 -9.17 -7.17
N TYR A 118 -23.43 -8.26 -7.56
CA TYR A 118 -22.51 -8.53 -8.68
C TYR A 118 -21.07 -8.85 -8.26
N ALA A 119 -20.87 -9.12 -6.96
CA ALA A 119 -19.55 -9.32 -6.40
C ALA A 119 -18.68 -10.27 -7.24
N LYS A 120 -19.27 -11.38 -7.66
CA LYS A 120 -18.52 -12.36 -8.42
C LYS A 120 -17.94 -11.77 -9.69
N GLU A 121 -18.78 -11.04 -10.43
CA GLU A 121 -18.33 -10.39 -11.67
C GLU A 121 -17.30 -9.29 -11.41
N ILE A 122 -17.35 -8.69 -10.22
CA ILE A 122 -16.28 -7.79 -9.80
C ILE A 122 -14.98 -8.56 -9.70
N GLY A 123 -14.99 -9.67 -8.96
CA GLY A 123 -13.79 -10.50 -8.81
C GLY A 123 -13.26 -11.09 -10.11
N ARG A 124 -14.18 -11.66 -10.90
CA ARG A 124 -13.89 -12.11 -12.25
C ARG A 124 -13.17 -11.06 -13.11
N ALA A 125 -13.54 -9.79 -12.90
CA ALA A 125 -12.93 -8.65 -13.59
C ALA A 125 -11.53 -8.35 -13.09
N ILE A 126 -11.37 -8.25 -11.78
CA ILE A 126 -10.07 -7.91 -11.18
C ILE A 126 -8.96 -8.89 -11.57
N VAL A 127 -9.24 -10.17 -11.35
CA VAL A 127 -8.31 -11.23 -11.72
C VAL A 127 -7.99 -11.23 -13.21
N GLU A 128 -8.93 -10.75 -14.03
CA GLU A 128 -8.71 -10.66 -15.47
C GLU A 128 -7.76 -9.54 -15.89
N VAL A 129 -7.84 -8.39 -15.23
CA VAL A 129 -7.02 -7.23 -15.60
C VAL A 129 -5.73 -7.14 -14.80
N HIS A 130 -5.62 -7.89 -13.70
CA HIS A 130 -4.37 -8.01 -12.94
C HIS A 130 -3.93 -9.47 -13.07
N LYS A 131 -2.96 -9.69 -13.95
CA LYS A 131 -2.41 -11.02 -14.16
C LYS A 131 -1.88 -11.59 -12.86
N ASN A 132 -1.28 -10.73 -12.04
CA ASN A 132 -0.57 -11.17 -10.83
C ASN A 132 -1.47 -11.71 -9.73
N VAL A 133 -2.70 -11.22 -9.64
CA VAL A 133 -3.64 -11.72 -8.62
C VAL A 133 -4.18 -13.08 -9.06
N LYS A 134 -4.32 -13.98 -8.09
CA LYS A 134 -4.90 -15.31 -8.30
C LYS A 134 -6.21 -15.54 -7.56
N ALA A 135 -6.52 -14.72 -6.56
CA ALA A 135 -7.75 -14.87 -5.81
C ALA A 135 -8.20 -13.51 -5.35
N VAL A 136 -9.52 -13.38 -5.16
CA VAL A 136 -10.15 -12.12 -4.76
C VAL A 136 -11.19 -12.42 -3.69
N TYR A 137 -11.12 -11.66 -2.59
CA TYR A 137 -12.09 -11.74 -1.49
C TYR A 137 -12.77 -10.38 -1.27
N MET A 138 -13.79 -10.38 -0.42
CA MET A 138 -14.52 -9.16 -0.05
C MET A 138 -14.79 -9.12 1.46
N LYS A 139 -14.53 -7.97 2.08
CA LYS A 139 -14.62 -7.83 3.53
C LYS A 139 -16.10 -7.78 3.90
N GLY A 140 -16.46 -8.53 4.94
CA GLY A 140 -17.82 -8.56 5.45
C GLY A 140 -17.82 -9.12 6.85
N SER A 141 -18.86 -8.76 7.60
CA SER A 141 -18.99 -9.21 9.00
C SER A 141 -19.87 -10.46 9.12
N LYS A 142 -19.49 -11.32 10.06
CA LYS A 142 -20.37 -12.35 10.59
C LYS A 142 -20.78 -11.89 11.99
N ILE A 143 -22.02 -12.17 12.38
CA ILE A 143 -22.55 -11.77 13.70
C ILE A 143 -22.51 -12.96 14.67
N GLU A 144 -21.66 -12.89 15.70
CA GLU A 144 -21.50 -14.02 16.66
C GLU A 144 -22.72 -14.21 17.55
N GLY A 145 -23.06 -13.16 18.28
CA GLY A 145 -24.22 -13.22 19.15
C GLY A 145 -24.54 -11.84 19.65
N GLU A 146 -23.59 -11.28 20.40
CA GLU A 146 -23.57 -9.85 20.68
C GLU A 146 -22.58 -9.22 19.72
N TYR A 147 -21.30 -9.60 19.84
CA TYR A 147 -20.27 -9.02 18.98
C TYR A 147 -20.45 -9.44 17.51
N ARG A 148 -19.95 -8.60 16.60
CA ARG A 148 -19.87 -8.93 15.16
C ARG A 148 -18.40 -9.05 14.75
N THR A 149 -18.04 -10.18 14.15
CA THR A 149 -16.64 -10.45 13.74
C THR A 149 -16.51 -10.38 12.22
N ARG A 150 -15.29 -10.06 11.77
CA ARG A 150 -15.00 -9.88 10.34
C ARG A 150 -14.63 -11.20 9.67
N GLU A 151 -14.71 -11.19 8.35
CA GLU A 151 -14.33 -12.32 7.50
C GLU A 151 -14.25 -11.88 6.05
N LEU A 152 -13.48 -12.63 5.27
CA LEU A 152 -13.28 -12.29 3.86
C LEU A 152 -14.07 -13.27 2.98
N ILE A 153 -15.19 -12.80 2.43
CA ILE A 153 -16.02 -13.65 1.59
C ILE A 153 -15.31 -13.83 0.24
N HIS A 154 -15.08 -15.08 -0.15
CA HIS A 154 -14.41 -15.39 -1.41
C HIS A 154 -15.33 -15.11 -2.59
N ILE A 155 -14.84 -14.31 -3.52
CA ILE A 155 -15.62 -13.91 -4.70
C ILE A 155 -15.01 -14.34 -6.02
N ALA A 156 -13.70 -14.53 -6.06
CA ALA A 156 -13.08 -15.02 -7.28
C ALA A 156 -11.73 -15.66 -7.05
N GLY A 157 -11.36 -16.50 -8.01
CA GLY A 157 -10.02 -17.08 -8.07
C GLY A 157 -9.83 -18.31 -7.22
N GLU A 158 -8.56 -18.69 -7.07
CA GLU A 158 -8.18 -19.88 -6.30
C GLU A 158 -8.63 -19.80 -4.84
N ASN A 159 -8.71 -20.96 -4.20
CA ASN A 159 -9.20 -21.06 -2.84
C ASN A 159 -8.05 -21.04 -1.83
N ILE A 160 -7.27 -19.94 -1.91
CA ILE A 160 -6.04 -19.78 -1.12
C ILE A 160 -6.06 -18.46 -0.34
N THR A 161 -5.72 -18.52 0.94
CA THR A 161 -5.61 -17.35 1.81
C THR A 161 -4.15 -17.00 2.16
N GLU A 162 -3.24 -17.95 1.91
CA GLU A 162 -1.84 -17.78 2.23
C GLU A 162 -1.16 -17.22 1.01
N THR A 163 -0.36 -16.16 1.22
CA THR A 163 0.47 -15.59 0.15
C THR A 163 1.76 -14.96 0.71
N ILE A 164 2.83 -15.01 -0.08
CA ILE A 164 4.12 -14.41 0.27
C ILE A 164 4.22 -13.06 -0.45
N HIS A 165 3.87 -11.99 0.25
CA HIS A 165 3.90 -10.64 -0.32
C HIS A 165 5.33 -10.15 -0.43
N ARG A 166 5.62 -9.34 -1.46
CA ARG A 166 6.93 -8.69 -1.65
C ARG A 166 6.82 -7.23 -1.38
N GLU A 167 7.68 -6.70 -0.52
CA GLU A 167 7.55 -5.31 -0.03
C GLU A 167 8.80 -4.48 -0.29
N ASN A 168 9.80 -4.61 0.57
CA ASN A 168 10.99 -3.78 0.52
C ASN A 168 12.21 -4.67 0.54
N GLY A 169 12.31 -5.51 -0.48
CA GLY A 169 13.43 -6.43 -0.61
C GLY A 169 13.32 -7.60 0.34
N ILE A 170 12.15 -7.71 0.98
CA ILE A 170 11.85 -8.77 1.94
C ILE A 170 10.51 -9.38 1.57
N ARG A 171 10.40 -10.69 1.77
CA ARG A 171 9.22 -11.48 1.45
C ARG A 171 8.52 -11.89 2.75
N LEU A 172 7.19 -11.73 2.78
CA LEU A 172 6.39 -11.95 3.99
C LEU A 172 5.33 -13.00 3.76
N LYS A 173 5.52 -14.18 4.36
CA LYS A 173 4.47 -15.17 4.37
C LYS A 173 3.35 -14.62 5.26
N LEU A 174 2.11 -14.75 4.78
CA LEU A 174 0.97 -14.17 5.45
C LEU A 174 -0.27 -14.97 5.11
N ASP A 175 -1.11 -15.19 6.11
CA ASP A 175 -2.48 -15.61 5.90
C ASP A 175 -3.29 -14.34 6.02
N VAL A 176 -3.78 -13.88 4.87
CA VAL A 176 -4.50 -12.61 4.78
C VAL A 176 -5.84 -12.62 5.53
N ALA A 177 -6.28 -13.81 5.98
CA ALA A 177 -7.48 -13.94 6.78
C ALA A 177 -7.18 -13.86 8.26
N LYS A 178 -6.08 -14.49 8.70
CA LYS A 178 -5.77 -14.57 10.14
C LYS A 178 -5.12 -13.30 10.71
N VAL A 179 -4.06 -12.83 10.04
CA VAL A 179 -3.27 -11.70 10.51
C VAL A 179 -3.57 -10.49 9.66
N TYR A 180 -3.71 -9.33 10.30
CA TYR A 180 -3.94 -8.04 9.62
C TYR A 180 -2.65 -7.49 8.99
N PHE A 181 -2.81 -6.82 7.84
CA PHE A 181 -1.69 -6.24 7.10
C PHE A 181 -2.13 -5.24 6.03
N SER A 182 -1.41 -4.11 5.96
CA SER A 182 -1.72 -3.03 5.04
C SER A 182 -0.49 -2.73 4.19
N PRO A 183 -0.54 -3.09 2.89
CA PRO A 183 0.63 -2.85 2.03
C PRO A 183 0.89 -1.41 1.69
N ARG A 184 -0.11 -0.55 1.80
CA ARG A 184 0.05 0.87 1.56
C ARG A 184 1.15 1.48 2.40
N LEU A 185 1.31 0.98 3.63
CA LEU A 185 2.35 1.47 4.57
C LEU A 185 3.82 1.22 4.11
N ALA A 186 4.00 0.42 3.07
CA ALA A 186 5.32 0.03 2.60
C ALA A 186 6.25 1.22 2.59
N THR A 187 5.83 2.26 1.89
CA THR A 187 6.62 3.50 1.77
C THR A 187 7.03 3.96 3.16
N GLU A 188 6.03 4.15 4.02
CA GLU A 188 6.29 4.59 5.39
C GLU A 188 7.37 3.77 6.06
N ARG A 189 7.32 2.47 5.89
CA ARG A 189 8.31 1.62 6.50
C ARG A 189 9.72 1.98 6.09
N MET A 190 9.96 2.14 4.81
CA MET A 190 11.28 2.58 4.35
C MET A 190 11.68 3.92 4.96
N ARG A 191 10.72 4.82 5.12
CA ARG A 191 11.01 6.11 5.68
C ARG A 191 11.67 6.03 7.06
N VAL A 192 11.23 5.07 7.88
CA VAL A 192 11.84 4.89 9.20
C VAL A 192 13.11 4.03 9.14
N PHE A 193 13.17 3.07 8.24
CA PHE A 193 14.39 2.31 8.03
C PHE A 193 15.57 3.25 7.73
N LYS A 194 15.32 4.30 6.95
CA LYS A 194 16.33 5.29 6.66
C LYS A 194 16.72 6.09 7.91
N MET A 195 15.73 6.44 8.73
CA MET A 195 16.01 7.19 9.98
C MET A 195 16.80 6.36 10.98
N ALA A 196 16.65 5.04 10.91
CA ALA A 196 17.34 4.15 11.82
C ALA A 196 18.86 4.13 11.56
N GLN A 197 19.61 4.06 12.64
CA GLN A 197 21.04 3.88 12.60
C GLN A 197 21.32 2.43 12.98
N GLU A 198 22.42 1.90 12.46
CA GLU A 198 22.87 0.54 12.73
C GLU A 198 23.30 0.34 14.19
N GLY A 199 23.42 -0.92 14.60
CA GLY A 199 23.81 -1.24 15.96
C GLY A 199 22.75 -0.95 17.00
N GLU A 200 21.61 -0.41 16.55
CA GLU A 200 20.53 0.03 17.42
C GLU A 200 19.81 -1.17 17.96
N VAL A 201 19.21 -0.98 19.12
CA VAL A 201 18.25 -1.93 19.65
C VAL A 201 16.90 -1.39 19.25
N VAL A 202 16.11 -2.23 18.59
CA VAL A 202 14.81 -1.83 18.08
C VAL A 202 13.72 -2.65 18.75
N PHE A 203 12.62 -1.97 19.08
CA PHE A 203 11.49 -2.62 19.72
C PHE A 203 10.26 -2.35 18.88
N ASP A 204 9.83 -3.37 18.17
CA ASP A 204 8.55 -3.33 17.50
C ASP A 204 7.50 -3.76 18.53
N MET A 205 6.79 -2.77 19.07
CA MET A 205 5.73 -3.03 20.05
C MET A 205 4.56 -3.84 19.47
N PHE A 206 4.21 -3.54 18.23
CA PHE A 206 3.14 -4.22 17.52
C PHE A 206 3.70 -4.59 16.15
N ALA A 207 4.13 -5.83 16.04
CA ALA A 207 5.02 -6.25 14.95
C ALA A 207 4.33 -6.82 13.76
N GLY A 208 3.13 -7.35 13.95
CA GLY A 208 2.46 -8.12 12.91
C GLY A 208 3.34 -9.31 12.53
N VAL A 209 3.49 -9.53 11.22
CA VAL A 209 4.41 -10.54 10.70
C VAL A 209 5.79 -9.94 10.41
N GLY A 210 6.06 -8.79 11.04
CA GLY A 210 7.34 -8.07 10.95
C GLY A 210 7.65 -7.51 9.59
N PRO A 211 6.73 -6.66 9.05
CA PRO A 211 7.09 -5.90 7.85
C PRO A 211 8.08 -4.80 8.20
N PHE A 212 7.83 -4.15 9.34
CA PHE A 212 8.79 -3.29 10.00
C PHE A 212 10.00 -4.06 10.51
N SER A 213 9.72 -5.13 11.26
CA SER A 213 10.75 -5.80 12.08
C SER A 213 11.93 -6.42 11.31
N ILE A 214 11.69 -6.92 10.10
CA ILE A 214 12.72 -7.58 9.31
C ILE A 214 13.54 -6.51 8.57
N LEU A 215 12.85 -5.63 7.87
CA LEU A 215 13.48 -4.46 7.29
C LEU A 215 14.42 -3.82 8.32
N LEU A 216 13.89 -3.50 9.48
CA LEU A 216 14.70 -2.94 10.55
C LEU A 216 15.80 -3.90 11.00
N ALA A 217 15.54 -5.20 10.91
CA ALA A 217 16.56 -6.22 11.25
C ALA A 217 17.78 -6.21 10.35
N LYS A 218 17.64 -5.60 9.16
CA LYS A 218 18.78 -5.41 8.26
C LYS A 218 19.78 -4.38 8.79
N LYS A 219 19.47 -3.70 9.89
CA LYS A 219 20.28 -2.56 10.35
C LYS A 219 20.22 -2.37 11.89
N ALA A 220 20.17 -3.47 12.63
CA ALA A 220 20.02 -3.39 14.09
C ALA A 220 20.69 -4.57 14.75
N GLU A 221 21.37 -4.33 15.88
CA GLU A 221 22.07 -5.41 16.56
C GLU A 221 21.07 -6.42 17.12
N LEU A 222 20.08 -5.92 17.83
CA LEU A 222 18.99 -6.73 18.36
C LEU A 222 17.67 -6.03 18.14
N VAL A 223 16.62 -6.82 17.96
CA VAL A 223 15.28 -6.29 17.80
C VAL A 223 14.26 -7.28 18.35
N PHE A 224 13.34 -6.74 19.15
CA PHE A 224 12.25 -7.49 19.76
C PHE A 224 10.99 -7.18 18.98
N ALA A 225 10.31 -8.22 18.54
CA ALA A 225 9.09 -8.04 17.75
C ALA A 225 7.91 -8.74 18.44
N CYS A 226 6.99 -7.92 18.96
CA CYS A 226 5.88 -8.40 19.77
C CYS A 226 4.54 -8.19 19.11
N ASP A 227 3.60 -9.07 19.40
CA ASP A 227 2.23 -8.95 18.89
C ASP A 227 1.30 -9.73 19.81
N ILE A 228 0.04 -9.28 19.90
CA ILE A 228 -0.99 -9.95 20.70
C ILE A 228 -1.58 -11.17 19.98
N ASN A 229 -1.55 -11.18 18.65
CA ASN A 229 -2.13 -12.26 17.85
C ASN A 229 -1.09 -13.39 17.60
N PRO A 230 -1.46 -14.64 17.92
CA PRO A 230 -0.50 -15.75 17.71
C PRO A 230 -0.28 -16.16 16.25
N TRP A 231 -1.24 -15.84 15.37
CA TRP A 231 -1.03 -16.15 13.96
C TRP A 231 0.05 -15.26 13.35
N ALA A 232 0.06 -13.99 13.74
CA ALA A 232 1.11 -13.06 13.33
C ALA A 232 2.46 -13.46 13.88
N ILE A 233 2.47 -14.10 15.05
CA ILE A 233 3.71 -14.62 15.61
C ILE A 233 4.24 -15.80 14.79
N LYS A 234 3.37 -16.76 14.50
CA LYS A 234 3.73 -17.91 13.68
C LYS A 234 4.31 -17.45 12.36
N TYR A 235 3.67 -16.46 11.74
CA TYR A 235 4.11 -15.97 10.44
C TYR A 235 5.35 -15.12 10.53
N LEU A 236 5.51 -14.40 11.63
CA LEU A 236 6.75 -13.65 11.83
C LEU A 236 7.93 -14.61 11.92
N GLU A 237 7.78 -15.66 12.72
CA GLU A 237 8.81 -16.72 12.79
C GLU A 237 9.13 -17.29 11.41
N GLU A 238 8.07 -17.56 10.65
CA GLU A 238 8.22 -18.04 9.27
C GLU A 238 9.01 -17.06 8.40
N ASN A 239 8.83 -15.76 8.63
CA ASN A 239 9.51 -14.73 7.87
C ASN A 239 10.97 -14.54 8.27
N ILE A 240 11.22 -14.66 9.57
CA ILE A 240 12.58 -14.71 10.14
C ILE A 240 13.39 -15.81 9.43
N LYS A 241 12.76 -16.98 9.30
CA LYS A 241 13.32 -18.07 8.51
C LYS A 241 13.52 -17.58 7.07
N LEU A 242 12.40 -17.26 6.40
CA LEU A 242 12.40 -17.03 4.95
C LEU A 242 13.35 -15.93 4.49
N ASN A 243 13.51 -14.90 5.31
CA ASN A 243 14.37 -13.76 4.97
C ASN A 243 15.79 -13.81 5.54
N LYS A 244 16.15 -14.91 6.17
CA LYS A 244 17.48 -15.09 6.73
C LYS A 244 17.81 -13.94 7.67
N VAL A 245 17.02 -13.80 8.71
CA VAL A 245 17.28 -12.84 9.79
C VAL A 245 17.47 -13.63 11.05
N ASN A 246 18.37 -13.17 11.91
CA ASN A 246 18.65 -13.83 13.20
C ASN A 246 18.65 -12.95 14.44
N ASN A 247 18.70 -11.63 14.23
CA ASN A 247 18.67 -10.63 15.32
C ASN A 247 17.25 -10.19 15.74
N VAL A 248 16.27 -10.98 15.33
CA VAL A 248 14.86 -10.76 15.66
C VAL A 248 14.41 -11.82 16.67
N VAL A 249 13.68 -11.40 17.70
CA VAL A 249 13.05 -12.35 18.63
C VAL A 249 11.54 -12.13 18.62
N PRO A 250 10.78 -13.16 18.25
CA PRO A 250 9.33 -13.03 18.32
C PRO A 250 8.82 -13.10 19.75
N ILE A 251 7.76 -12.37 20.02
CA ILE A 251 7.22 -12.25 21.36
C ILE A 251 5.70 -12.17 21.29
N LEU A 252 5.03 -13.17 21.87
CA LEU A 252 3.58 -13.17 21.96
C LEU A 252 3.16 -12.59 23.31
N GLY A 253 2.26 -11.62 23.31
CA GLY A 253 1.66 -11.14 24.55
C GLY A 253 1.40 -9.65 24.52
N ASP A 254 0.82 -9.13 25.60
CA ASP A 254 0.57 -7.69 25.75
C ASP A 254 1.90 -6.99 25.86
N SER A 255 2.16 -6.09 24.91
CA SER A 255 3.46 -5.43 24.82
C SER A 255 3.80 -4.66 26.10
N ARG A 256 2.80 -4.18 26.81
CA ARG A 256 3.02 -3.32 27.98
C ARG A 256 3.74 -4.03 29.11
N GLU A 257 3.46 -5.33 29.26
CA GLU A 257 4.09 -6.11 30.32
C GLU A 257 5.48 -6.65 29.94
N ILE A 258 6.09 -6.10 28.90
CA ILE A 258 7.39 -6.54 28.42
C ILE A 258 8.42 -5.46 28.74
N GLU A 259 9.11 -5.62 29.87
CA GLU A 259 10.09 -4.65 30.31
C GLU A 259 11.47 -4.91 29.72
N VAL A 260 11.75 -4.24 28.59
CA VAL A 260 13.09 -4.25 27.99
C VAL A 260 13.47 -2.81 27.70
N LYS A 261 14.68 -2.63 27.19
CA LYS A 261 15.16 -1.31 26.75
C LYS A 261 15.33 -1.28 25.24
N ALA A 262 15.14 -0.10 24.66
CA ALA A 262 15.11 0.06 23.20
C ALA A 262 15.71 1.39 22.73
N ASP A 263 16.44 1.34 21.63
CA ASP A 263 16.97 2.53 20.99
C ASP A 263 15.98 3.11 19.97
N ARG A 264 15.09 2.28 19.45
CA ARG A 264 14.00 2.74 18.60
C ARG A 264 12.75 1.97 18.97
N ILE A 265 11.62 2.68 19.05
CA ILE A 265 10.34 2.04 19.26
C ILE A 265 9.40 2.34 18.10
N ILE A 266 8.62 1.33 17.69
CA ILE A 266 7.66 1.44 16.60
C ILE A 266 6.26 1.07 17.04
N MET A 267 5.44 2.08 17.34
CA MET A 267 4.07 1.86 17.82
C MET A 267 3.08 2.03 16.67
N ASN A 268 2.96 0.96 15.89
CA ASN A 268 2.10 0.92 14.72
C ASN A 268 0.78 0.27 15.09
N LEU A 269 0.07 0.93 16.01
CA LEU A 269 -1.32 0.57 16.36
C LEU A 269 -2.08 1.87 16.70
N PRO A 270 -2.51 2.59 15.66
CA PRO A 270 -2.93 3.97 15.89
C PRO A 270 -4.17 4.08 16.76
N LYS A 271 -5.05 3.10 16.65
CA LYS A 271 -6.28 3.12 17.41
C LYS A 271 -6.02 3.25 18.91
N TYR A 272 -4.98 2.57 19.39
CA TYR A 272 -4.72 2.47 20.84
C TYR A 272 -3.33 2.89 21.29
N ALA A 273 -2.46 3.30 20.37
CA ALA A 273 -1.08 3.55 20.74
C ALA A 273 -0.95 4.59 21.86
N HIS A 274 -1.86 5.56 21.86
CA HIS A 274 -1.94 6.56 22.95
C HIS A 274 -2.00 5.95 24.37
N GLU A 275 -2.49 4.72 24.47
CA GLU A 275 -2.41 3.99 25.73
C GLU A 275 -0.96 3.60 26.03
N PHE A 276 -0.29 3.03 25.02
CA PHE A 276 1.02 2.43 25.20
C PHE A 276 2.15 3.43 25.31
N LEU A 277 1.89 4.70 25.04
CA LEU A 277 2.92 5.74 25.19
C LEU A 277 3.63 5.69 26.53
N GLU A 278 2.89 5.41 27.59
CA GLU A 278 3.47 5.35 28.92
C GLU A 278 4.61 4.36 29.01
N HIS A 279 4.39 3.15 28.51
CA HIS A 279 5.41 2.12 28.51
C HIS A 279 6.51 2.38 27.48
N ALA A 280 6.15 3.01 26.36
CA ALA A 280 7.12 3.50 25.37
C ALA A 280 8.15 4.41 26.05
N ILE A 281 7.67 5.43 26.75
CA ILE A 281 8.51 6.31 27.53
C ILE A 281 9.32 5.47 28.50
N SER A 282 8.70 4.45 29.11
CA SER A 282 9.37 3.60 30.10
C SER A 282 10.57 2.81 29.58
N CYS A 283 10.60 2.51 28.28
CA CYS A 283 11.61 1.61 27.72
C CYS A 283 12.68 2.28 26.82
N ILE A 284 13.00 3.54 27.09
CA ILE A 284 13.87 4.32 26.21
C ILE A 284 15.15 4.80 26.90
N ASN A 285 16.27 4.62 26.19
CA ASN A 285 17.57 5.16 26.60
C ASN A 285 17.72 6.58 26.09
N ASP A 286 18.78 7.26 26.52
CA ASP A 286 19.00 8.66 26.11
C ASP A 286 18.90 8.88 24.61
N GLY A 287 19.46 7.96 23.84
CA GLY A 287 19.43 8.09 22.38
C GLY A 287 18.02 7.91 21.83
N GLY A 288 17.30 6.94 22.40
CA GLY A 288 16.06 6.42 21.84
C GLY A 288 15.15 7.40 21.13
N VAL A 289 14.71 7.01 19.94
CA VAL A 289 13.64 7.69 19.21
C VAL A 289 12.42 6.78 19.12
N ILE A 290 11.24 7.37 19.26
CA ILE A 290 9.99 6.64 19.24
C ILE A 290 9.18 7.14 18.05
N HIS A 291 8.69 6.19 17.26
CA HIS A 291 7.79 6.47 16.17
C HIS A 291 6.43 6.03 16.68
N TYR A 292 5.50 6.97 16.76
CA TYR A 292 4.20 6.76 17.38
C TYR A 292 3.11 7.07 16.38
N TYR A 293 2.19 6.12 16.20
CA TYR A 293 1.15 6.20 15.19
C TYR A 293 -0.20 6.43 15.87
N GLY A 294 -0.98 7.34 15.32
CA GLY A 294 -2.24 7.74 15.97
C GLY A 294 -3.25 8.26 14.99
N PHE A 295 -4.41 8.62 15.53
CA PHE A 295 -5.49 9.16 14.75
C PHE A 295 -5.82 10.54 15.25
N GLY A 296 -6.09 11.44 14.33
CA GLY A 296 -6.32 12.82 14.69
C GLY A 296 -7.44 13.49 13.92
N PRO A 297 -8.13 14.45 14.59
CA PRO A 297 -9.21 15.16 13.93
C PRO A 297 -8.71 16.15 12.87
N GLU A 298 -9.52 16.37 11.85
CA GLU A 298 -9.24 17.39 10.82
C GLU A 298 -8.98 18.74 11.41
N GLY A 299 -7.88 19.34 10.98
CA GLY A 299 -7.55 20.68 11.45
C GLY A 299 -6.70 20.69 12.70
N ASP A 300 -6.58 19.56 13.37
CA ASP A 300 -5.58 19.44 14.45
C ASP A 300 -5.27 17.96 14.71
N PRO A 301 -4.76 17.25 13.69
CA PRO A 301 -4.50 15.82 13.90
C PRO A 301 -3.39 15.52 14.91
N TYR A 302 -2.46 16.43 15.07
CA TYR A 302 -1.36 16.23 15.98
C TYR A 302 -1.63 16.76 17.39
N GLY A 303 -2.66 17.59 17.55
CA GLY A 303 -2.83 18.40 18.77
C GLY A 303 -2.92 17.59 20.05
N TRP A 304 -3.88 16.69 20.09
CA TRP A 304 -4.08 15.90 21.28
C TRP A 304 -2.86 15.03 21.58
N HIS A 305 -2.38 14.33 20.57
CA HIS A 305 -1.24 13.42 20.73
C HIS A 305 -0.02 14.15 21.28
N LEU A 306 0.22 15.37 20.79
CA LEU A 306 1.32 16.18 21.29
C LEU A 306 1.07 16.69 22.70
N GLU A 307 -0.19 16.98 23.00
CA GLU A 307 -0.59 17.36 24.36
C GLU A 307 -0.24 16.23 25.33
N ARG A 308 -0.80 15.06 25.04
CA ARG A 308 -0.55 13.87 25.84
C ARG A 308 0.92 13.55 25.99
N ILE A 309 1.64 13.64 24.89
CA ILE A 309 3.02 13.21 24.89
C ILE A 309 3.91 14.16 25.70
N ARG A 310 3.64 15.46 25.63
CA ARG A 310 4.38 16.43 26.42
C ARG A 310 4.10 16.25 27.92
N GLU A 311 2.83 16.05 28.25
CA GLU A 311 2.46 15.72 29.63
C GLU A 311 3.25 14.50 30.13
N LEU A 312 3.29 13.45 29.33
CA LEU A 312 4.05 12.26 29.70
C LEU A 312 5.52 12.55 29.87
N ALA A 313 6.04 13.46 29.06
CA ALA A 313 7.40 13.92 29.25
C ALA A 313 7.61 14.46 30.67
N ASN A 314 6.73 15.34 31.14
CA ASN A 314 6.76 15.76 32.54
C ASN A 314 6.66 14.58 33.51
N LYS A 315 5.66 13.73 33.32
CA LYS A 315 5.43 12.64 34.27
C LYS A 315 6.70 11.83 34.51
N PHE A 316 7.24 11.26 33.44
CA PHE A 316 8.41 10.36 33.54
C PHE A 316 9.74 11.09 33.71
N GLY A 317 9.73 12.42 33.66
CA GLY A 317 10.96 13.19 33.85
C GLY A 317 11.96 12.96 32.73
N VAL A 318 11.55 13.27 31.51
CA VAL A 318 12.41 13.22 30.35
C VAL A 318 12.06 14.40 29.43
N LYS A 319 12.97 14.76 28.54
CA LYS A 319 12.75 15.84 27.58
C LYS A 319 12.64 15.21 26.19
N VAL A 320 11.49 15.44 25.54
CA VAL A 320 11.19 14.92 24.21
C VAL A 320 11.20 16.07 23.21
N GLU A 321 11.77 15.85 22.03
CA GLU A 321 11.60 16.80 20.93
C GLU A 321 11.27 16.07 19.64
N VAL A 322 10.50 16.74 18.78
CA VAL A 322 9.84 16.15 17.62
C VAL A 322 10.64 16.39 16.35
N LEU A 323 10.94 15.31 15.64
CA LEU A 323 11.66 15.32 14.37
C LEU A 323 10.74 15.43 13.15
N GLY A 324 9.48 15.06 13.31
CA GLY A 324 8.54 15.15 12.20
C GLY A 324 7.12 14.71 12.51
N LYS A 325 6.15 15.41 11.93
CA LYS A 325 4.75 15.12 12.12
C LYS A 325 4.13 15.01 10.74
N ARG A 326 3.46 13.90 10.46
CA ARG A 326 3.09 13.52 9.11
C ARG A 326 1.72 12.85 9.06
N VAL A 327 1.24 12.60 7.86
CA VAL A 327 0.05 11.78 7.65
C VAL A 327 0.41 10.63 6.72
N ILE A 328 0.45 9.43 7.29
CA ILE A 328 0.78 8.23 6.52
C ILE A 328 -0.32 7.91 5.50
N ARG A 329 -1.57 8.24 5.86
CA ARG A 329 -2.76 7.88 5.10
C ARG A 329 -3.98 8.44 5.86
N ASN A 330 -5.02 8.80 5.14
CA ASN A 330 -6.26 9.27 5.78
C ASN A 330 -7.23 8.09 5.94
N TYR A 331 -7.92 8.08 7.08
CA TYR A 331 -9.12 7.25 7.25
C TYR A 331 -10.12 7.67 6.17
N ALA A 332 -10.86 6.69 5.65
CA ALA A 332 -11.77 6.94 4.55
C ALA A 332 -12.67 8.19 4.78
N PRO A 333 -13.34 8.28 5.95
CA PRO A 333 -14.04 9.54 6.22
C PRO A 333 -13.07 10.59 6.77
N ARG A 334 -13.61 11.68 7.31
CA ARG A 334 -12.83 12.88 7.68
C ARG A 334 -11.59 12.65 8.57
N GLN A 335 -11.43 11.45 9.13
CA GLN A 335 -10.31 11.13 10.01
C GLN A 335 -8.97 10.96 9.25
N TYR A 336 -7.88 11.33 9.94
CA TYR A 336 -6.50 11.28 9.40
C TYR A 336 -5.56 10.52 10.33
N ASN A 337 -4.74 9.65 9.72
CA ASN A 337 -3.76 8.83 10.44
C ASN A 337 -2.40 9.52 10.49
N ILE A 338 -1.89 9.73 11.69
CA ILE A 338 -0.67 10.53 11.87
C ILE A 338 0.51 9.66 12.29
N ALA A 339 1.71 10.19 12.11
CA ALA A 339 2.93 9.52 12.51
C ALA A 339 3.88 10.57 13.08
N ILE A 340 4.13 10.49 14.38
CA ILE A 340 5.05 11.40 15.07
C ILE A 340 6.35 10.66 15.32
N ASP A 341 7.46 11.36 15.09
CA ASP A 341 8.81 10.84 15.29
C ASP A 341 9.50 11.73 16.28
N PHE A 342 9.55 11.31 17.53
CA PHE A 342 10.11 12.14 18.59
C PHE A 342 11.24 11.42 19.33
N ARG A 343 12.31 12.18 19.63
CA ARG A 343 13.46 11.66 20.35
C ARG A 343 13.43 12.10 21.79
N VAL A 344 13.68 11.16 22.70
CA VAL A 344 13.57 11.35 24.14
C VAL A 344 14.96 11.32 24.73
N SER A 345 15.24 12.27 25.63
CA SER A 345 16.52 12.37 26.32
C SER A 345 16.29 12.73 27.77
N PHE A 346 16.93 11.99 28.67
CA PHE A 346 16.90 12.30 30.10
C PHE A 346 18.25 12.86 30.57
#